data_3DCY
#
_entry.id   3DCY
#
_cell.length_a   40.983
_cell.length_b   76.408
_cell.length_c   79.536
_cell.angle_alpha   90.000
_cell.angle_beta   90.000
_cell.angle_gamma   90.000
#
_symmetry.space_group_name_H-M   'P 21 21 21'
#
loop_
_entity.id
_entity.type
_entity.pdbx_description
1 polymer 'REGULATOR PROTEIN'
2 non-polymer 'PHOSPHATE ION'
3 water water
#
_entity_poly.entity_id   1
_entity_poly.type   'polypeptide(L)'
_entity_poly.pdbx_seq_one_letter_code
;NLYFQSARFALTVVRHGETRFNKEKIIQGQGVDEPLSETGFKQAAAAGIFLNNVKFTHAFSSDL(MSE)RTKQT(MSE)H
GILERSKFCKD(MSE)TVKYDSRLRERKYGVVEGKALSELRA(MSE)AKAAREECPVFTPPGGETLDQVK(MSE)RGIDF
FEFLCQLILKEADQKEQFSQGSPSNCLETSLAEIFPLGKNHSSKVNSDSGIPGLAASVLVVSHGAY(MSE)RSLFDYFLT
DLKCSLPATLSRSEL(MSE)SVTPNTG(MSE)SLFIINFEEGREVKPTVQCIC(MSE)NLQDHLNGLTETR
;
_entity_poly.pdbx_strand_id   A
#
loop_
_chem_comp.id
_chem_comp.type
_chem_comp.name
_chem_comp.formula
PO4 non-polymer 'PHOSPHATE ION' 'O4 P -3'
#
# COMPACT_ATOMS: atom_id res chain seq x y z
N ASN A 1 -13.30 -25.90 3.99
CA ASN A 1 -13.35 -24.40 4.02
C ASN A 1 -14.30 -23.83 5.05
N LEU A 2 -13.87 -22.72 5.66
CA LEU A 2 -14.55 -22.12 6.81
C LEU A 2 -15.73 -21.25 6.40
N TYR A 3 -16.84 -21.41 7.10
CA TYR A 3 -18.01 -20.54 6.97
C TYR A 3 -17.86 -19.31 7.84
N PHE A 4 -17.98 -18.15 7.21
CA PHE A 4 -17.98 -16.90 7.94
C PHE A 4 -19.25 -16.13 7.70
N GLN A 5 -19.64 -15.34 8.68
CA GLN A 5 -20.72 -14.39 8.53
C GLN A 5 -20.24 -13.26 7.63
N SER A 6 -21.15 -12.39 7.21
CA SER A 6 -20.82 -11.20 6.41
CA SER A 6 -20.79 -11.23 6.40
C SER A 6 -19.83 -10.34 7.18
N ALA A 7 -18.92 -9.67 6.48
CA ALA A 7 -17.90 -8.87 7.15
C ALA A 7 -17.41 -7.76 6.24
N ARG A 8 -16.93 -6.69 6.83
CA ARG A 8 -16.38 -5.53 6.14
C ARG A 8 -15.17 -5.08 6.92
N PHE A 9 -14.11 -4.69 6.22
CA PHE A 9 -12.96 -4.06 6.88
C PHE A 9 -12.34 -2.97 6.00
N ALA A 10 -11.65 -2.03 6.65
CA ALA A 10 -11.02 -0.92 5.95
C ALA A 10 -9.53 -1.28 5.77
N LEU A 11 -9.00 -0.84 4.66
CA LEU A 11 -7.59 -1.04 4.37
C LEU A 11 -7.01 0.30 3.90
N THR A 12 -6.12 0.90 4.68
CA THR A 12 -5.43 2.12 4.28
C THR A 12 -4.00 1.77 3.86
N VAL A 13 -3.61 2.17 2.66
CA VAL A 13 -2.29 1.83 2.09
C VAL A 13 -1.52 3.14 1.82
N VAL A 14 -0.32 3.25 2.39
CA VAL A 14 0.43 4.48 2.38
C VAL A 14 1.85 4.21 1.85
N ARG A 15 2.30 4.95 0.84
CA ARG A 15 3.69 4.77 0.37
C ARG A 15 4.63 5.37 1.42
N HIS A 16 5.83 4.81 1.56
CA HIS A 16 6.83 5.39 2.48
C HIS A 16 7.21 6.83 2.06
N GLY A 17 7.78 7.57 3.03
CA GLY A 17 8.30 8.90 2.75
C GLY A 17 9.50 8.92 1.83
N GLU A 18 9.82 10.10 1.31
CA GLU A 18 10.94 10.27 0.38
C GLU A 18 12.29 9.81 0.96
N THR A 19 13.09 9.14 0.12
CA THR A 19 14.50 8.85 0.43
C THR A 19 15.38 9.69 -0.48
N ARG A 20 16.67 9.71 -0.15
CA ARG A 20 17.70 10.31 -0.99
C ARG A 20 17.59 9.87 -2.47
N PHE A 21 17.33 8.59 -2.69
CA PHE A 21 17.28 8.05 -4.05
C PHE A 21 15.99 8.45 -4.78
N ASN A 22 14.88 8.49 -4.05
CA ASN A 22 13.64 8.99 -4.67
C ASN A 22 13.85 10.41 -5.22
N LYS A 23 14.50 11.24 -4.42
CA LYS A 23 14.74 12.63 -4.81
C LYS A 23 15.57 12.69 -6.10
N GLU A 24 16.59 11.84 -6.17
CA GLU A 24 17.56 11.85 -7.27
C GLU A 24 17.14 10.98 -8.45
N LYS A 25 15.93 10.41 -8.38
CA LYS A 25 15.37 9.54 -9.43
C LYS A 25 16.28 8.33 -9.69
N ILE A 26 16.78 7.75 -8.60
CA ILE A 26 17.63 6.55 -8.64
CA ILE A 26 17.63 6.56 -8.63
C ILE A 26 16.77 5.36 -8.27
N ILE A 27 16.89 4.31 -9.06
CA ILE A 27 16.09 3.11 -8.86
CA ILE A 27 16.12 3.09 -8.87
C ILE A 27 16.39 2.50 -7.50
N GLN A 28 15.31 2.18 -6.81
CA GLN A 28 15.33 1.68 -5.48
C GLN A 28 14.22 0.64 -5.39
N GLY A 29 14.59 -0.63 -5.50
CA GLY A 29 13.67 -1.72 -5.26
C GLY A 29 14.10 -2.46 -4.00
N GLN A 30 14.87 -3.54 -4.17
CA GLN A 30 15.41 -4.30 -3.04
C GLN A 30 16.96 -4.22 -3.13
N GLY A 31 17.50 -3.01 -3.30
CA GLY A 31 18.94 -2.82 -3.43
C GLY A 31 19.57 -2.33 -2.14
N VAL A 32 20.01 -1.07 -2.11
CA VAL A 32 20.40 -0.49 -0.84
C VAL A 32 19.08 -0.30 -0.07
N ASP A 33 19.11 -0.72 1.17
CA ASP A 33 18.03 -0.49 2.08
C ASP A 33 18.20 0.94 2.61
N GLU A 34 17.79 1.92 1.80
CA GLU A 34 18.01 3.37 2.08
C GLU A 34 16.96 3.93 3.05
N PRO A 35 17.39 4.70 4.06
CA PRO A 35 16.43 5.29 4.99
C PRO A 35 15.74 6.51 4.41
N LEU A 36 14.78 7.05 5.16
CA LEU A 36 14.16 8.31 4.78
C LEU A 36 15.19 9.44 4.79
N SER A 37 14.99 10.41 3.90
CA SER A 37 15.70 11.68 3.99
C SER A 37 15.01 12.59 5.03
N GLU A 38 15.58 13.75 5.33
N GLU A 38 15.63 13.75 5.31
CA GLU A 38 14.88 14.64 6.24
CA GLU A 38 14.99 14.81 6.12
C GLU A 38 13.48 15.07 5.72
C GLU A 38 13.52 15.01 5.69
N THR A 39 13.34 15.27 4.40
CA THR A 39 12.01 15.48 3.78
C THR A 39 11.10 14.27 4.02
N GLY A 40 11.65 13.05 3.90
CA GLY A 40 10.88 11.84 4.16
C GLY A 40 10.38 11.74 5.60
N PHE A 41 11.24 12.07 6.54
CA PHE A 41 10.86 12.09 7.94
C PHE A 41 9.75 13.14 8.20
N LYS A 42 9.87 14.32 7.59
CA LYS A 42 8.80 15.34 7.62
C LYS A 42 7.47 14.84 7.05
N GLN A 43 7.51 14.14 5.91
CA GLN A 43 6.29 13.62 5.30
C GLN A 43 5.63 12.57 6.22
N ALA A 44 6.44 11.70 6.81
CA ALA A 44 5.96 10.67 7.69
C ALA A 44 5.30 11.31 8.92
N ALA A 45 5.92 12.40 9.41
CA ALA A 45 5.39 13.10 10.59
C ALA A 45 4.03 13.73 10.26
N ALA A 46 3.96 14.36 9.10
CA ALA A 46 2.76 15.01 8.61
C ALA A 46 1.65 13.99 8.44
N ALA A 47 2.00 12.85 7.85
CA ALA A 47 1.03 11.75 7.73
C ALA A 47 0.55 11.27 9.10
N GLY A 48 1.47 11.20 10.06
CA GLY A 48 1.17 10.78 11.43
C GLY A 48 0.21 11.76 12.08
N ILE A 49 0.42 13.05 11.86
CA ILE A 49 -0.52 14.05 12.41
C ILE A 49 -1.88 13.96 11.74
N PHE A 50 -1.90 13.82 10.41
CA PHE A 50 -3.13 13.66 9.64
C PHE A 50 -3.98 12.48 10.18
N LEU A 51 -3.28 11.39 10.51
CA LEU A 51 -3.92 10.13 10.99
C LEU A 51 -4.06 9.98 12.51
N ASN A 52 -3.80 11.05 13.27
CA ASN A 52 -3.57 10.90 14.69
C ASN A 52 -4.80 10.36 15.46
N ASN A 53 -5.99 10.61 14.93
CA ASN A 53 -7.22 10.19 15.62
C ASN A 53 -7.89 9.00 14.96
N VAL A 54 -7.21 8.38 13.99
CA VAL A 54 -7.76 7.19 13.36
C VAL A 54 -7.52 5.98 14.23
N LYS A 55 -8.58 5.23 14.47
CA LYS A 55 -8.45 4.03 15.27
C LYS A 55 -8.15 2.83 14.36
N PHE A 56 -6.87 2.65 14.04
CA PHE A 56 -6.44 1.44 13.34
C PHE A 56 -6.42 0.26 14.29
N THR A 57 -6.58 -0.93 13.74
CA THR A 57 -6.58 -2.17 14.48
C THR A 57 -5.38 -3.07 14.17
N HIS A 58 -4.79 -2.85 12.98
CA HIS A 58 -3.67 -3.68 12.54
C HIS A 58 -2.70 -2.79 11.78
N ALA A 59 -1.42 -3.13 11.85
CA ALA A 59 -0.38 -2.38 11.09
C ALA A 59 0.59 -3.37 10.47
N PHE A 60 0.79 -3.24 9.17
CA PHE A 60 1.78 -4.06 8.43
C PHE A 60 2.69 -3.16 7.63
N SER A 61 3.97 -3.53 7.53
CA SER A 61 4.93 -2.71 6.79
C SER A 61 5.85 -3.70 6.06
N SER A 62 6.30 -3.32 4.87
CA SER A 62 7.50 -3.90 4.30
C SER A 62 8.63 -3.88 5.32
N ASP A 63 9.49 -4.89 5.23
N ASP A 63 9.54 -4.83 5.31
CA ASP A 63 10.67 -5.07 6.09
CA ASP A 63 10.59 -4.86 6.35
C ASP A 63 11.90 -4.41 5.46
C ASP A 63 11.79 -3.94 6.04
N LEU A 64 11.68 -3.18 4.95
CA LEU A 64 12.74 -2.29 4.47
C LEU A 64 12.74 -1.03 5.36
N MSE A 65 13.89 -0.35 5.47
CA MSE A 65 13.99 0.78 6.42
C MSE A 65 13.02 1.90 6.09
O MSE A 65 12.41 2.46 6.99
CB MSE A 65 15.38 1.43 6.38
CG MSE A 65 16.38 0.68 7.14
SE MSE A 65 17.89 1.89 7.38
CE MSE A 65 17.57 2.65 9.09
N ARG A 66 12.89 2.22 4.80
CA ARG A 66 12.11 3.40 4.40
C ARG A 66 10.64 3.27 4.80
N THR A 67 10.12 2.05 4.68
CA THR A 67 8.73 1.77 5.07
C THR A 67 8.64 1.66 6.62
N LYS A 68 9.61 1.00 7.24
CA LYS A 68 9.62 0.84 8.73
C LYS A 68 9.63 2.24 9.40
N GLN A 69 10.52 3.11 8.92
CA GLN A 69 10.63 4.45 9.49
C GLN A 69 9.35 5.26 9.28
N THR A 70 8.73 5.07 8.11
CA THR A 70 7.48 5.80 7.84
C THR A 70 6.36 5.34 8.81
N MSE A 71 6.24 4.02 8.96
CA MSE A 71 5.29 3.41 9.89
C MSE A 71 5.58 3.98 11.30
O MSE A 71 4.66 4.33 12.03
CB MSE A 71 5.43 1.92 9.91
CG MSE A 71 4.48 1.20 10.88
SE MSE A 71 2.60 1.51 10.51
CE MSE A 71 2.47 0.18 9.09
N HIS A 72 6.86 4.06 11.65
CA HIS A 72 7.20 4.60 13.00
C HIS A 72 6.74 6.04 13.17
N GLY A 73 7.03 6.86 12.15
CA GLY A 73 6.65 8.27 12.08
C GLY A 73 5.15 8.43 12.25
N ILE A 74 4.39 7.52 11.63
CA ILE A 74 2.95 7.59 11.72
C ILE A 74 2.48 7.18 13.11
N LEU A 75 2.93 6.02 13.60
CA LEU A 75 2.41 5.50 14.88
C LEU A 75 2.86 6.33 16.10
N GLU A 76 4.06 6.89 16.06
CA GLU A 76 4.53 7.65 17.22
C GLU A 76 3.64 8.87 17.51
N ARG A 77 2.88 9.32 16.50
CA ARG A 77 1.95 10.47 16.63
C ARG A 77 0.48 10.12 16.78
N SER A 78 0.19 8.84 16.94
CA SER A 78 -1.18 8.39 17.01
C SER A 78 -1.69 8.55 18.42
N LYS A 79 -2.92 9.01 18.54
CA LYS A 79 -3.61 9.05 19.85
C LYS A 79 -3.92 7.65 20.42
N PHE A 80 -4.38 6.74 19.55
CA PHE A 80 -4.78 5.41 20.00
C PHE A 80 -3.84 4.27 19.71
N CYS A 81 -2.98 4.43 18.71
CA CYS A 81 -2.17 3.31 18.21
C CYS A 81 -0.67 3.47 18.41
N LYS A 82 -0.25 4.42 19.24
CA LYS A 82 1.18 4.51 19.59
C LYS A 82 1.88 3.15 19.88
N ASP A 83 1.20 2.30 20.65
CA ASP A 83 1.71 1.04 21.18
C ASP A 83 1.44 -0.18 20.31
N MSE A 84 0.75 0.01 19.18
CA MSE A 84 0.40 -1.07 18.27
C MSE A 84 1.62 -1.86 17.76
O MSE A 84 2.63 -1.25 17.37
CB MSE A 84 -0.36 -0.51 17.07
CG MSE A 84 -0.70 -1.57 16.03
SE MSE A 84 -2.26 -1.03 15.06
CE MSE A 84 -3.54 -1.34 16.50
N THR A 85 1.51 -3.18 17.75
CA THR A 85 2.56 -4.05 17.23
C THR A 85 2.51 -3.95 15.71
N VAL A 86 3.63 -3.61 15.10
CA VAL A 86 3.73 -3.63 13.64
C VAL A 86 4.18 -5.01 13.19
N LYS A 87 3.51 -5.58 12.19
CA LYS A 87 3.99 -6.81 11.60
C LYS A 87 4.79 -6.51 10.32
N TYR A 88 6.00 -7.05 10.19
CA TYR A 88 6.85 -6.75 9.01
C TYR A 88 6.77 -7.95 8.11
N ASP A 89 6.46 -7.68 6.84
CA ASP A 89 6.10 -8.76 5.92
C ASP A 89 6.84 -8.53 4.62
N SER A 90 7.69 -9.47 4.26
CA SER A 90 8.48 -9.36 3.03
C SER A 90 7.61 -9.35 1.77
N ARG A 91 6.40 -9.88 1.84
CA ARG A 91 5.48 -9.80 0.66
C ARG A 91 5.15 -8.36 0.25
N LEU A 92 5.32 -7.42 1.18
CA LEU A 92 5.03 -6.01 0.92
C LEU A 92 6.20 -5.24 0.28
N ARG A 93 7.33 -5.94 0.04
CA ARG A 93 8.54 -5.24 -0.41
CA ARG A 93 8.55 -5.28 -0.45
C ARG A 93 8.39 -4.68 -1.84
N GLU A 94 9.22 -3.68 -2.19
CA GLU A 94 9.15 -3.12 -3.53
C GLU A 94 9.55 -4.18 -4.58
N ARG A 95 9.09 -3.95 -5.80
CA ARG A 95 9.52 -4.73 -6.98
C ARG A 95 11.06 -4.78 -7.01
N LYS A 96 11.62 -5.96 -7.29
CA LYS A 96 13.07 -6.10 -7.50
C LYS A 96 13.48 -5.53 -8.84
N TYR A 97 14.58 -4.78 -8.89
CA TYR A 97 15.11 -4.28 -10.17
C TYR A 97 16.51 -4.85 -10.49
N GLY A 98 16.97 -5.82 -9.70
CA GLY A 98 18.17 -6.57 -10.02
C GLY A 98 19.37 -5.70 -10.31
N VAL A 99 20.00 -5.95 -11.45
CA VAL A 99 21.28 -5.26 -11.76
C VAL A 99 21.17 -3.74 -11.95
N VAL A 100 19.94 -3.20 -12.08
CA VAL A 100 19.82 -1.72 -12.17
C VAL A 100 19.49 -1.04 -10.84
N GLU A 101 19.45 -1.80 -9.75
CA GLU A 101 19.28 -1.19 -8.42
C GLU A 101 20.42 -0.20 -8.22
N GLY A 102 20.07 1.03 -7.85
CA GLY A 102 21.06 2.08 -7.59
C GLY A 102 21.53 2.82 -8.83
N LYS A 103 20.91 2.55 -9.98
CA LYS A 103 21.22 3.29 -11.20
C LYS A 103 20.14 4.33 -11.47
N ALA A 104 20.47 5.32 -12.30
CA ALA A 104 19.48 6.29 -12.76
C ALA A 104 18.36 5.58 -13.49
N LEU A 105 17.15 6.08 -13.28
CA LEU A 105 15.99 5.67 -14.08
C LEU A 105 16.30 5.60 -15.58
N SER A 106 17.05 6.58 -16.10
CA SER A 106 17.41 6.62 -17.52
C SER A 106 18.16 5.39 -18.01
N GLU A 107 18.95 4.77 -17.12
CA GLU A 107 19.66 3.52 -17.44
C GLU A 107 18.72 2.34 -17.63
N LEU A 108 17.67 2.31 -16.82
CA LEU A 108 16.64 1.27 -16.95
C LEU A 108 15.88 1.47 -18.28
N ARG A 109 15.53 2.72 -18.56
CA ARG A 109 14.80 3.02 -19.81
C ARG A 109 15.65 2.67 -21.03
N ALA A 110 16.95 2.98 -20.96
CA ALA A 110 17.87 2.66 -22.06
C ALA A 110 17.98 1.15 -22.27
N MSE A 111 18.04 0.40 -21.17
CA MSE A 111 18.07 -1.04 -21.22
CA MSE A 111 18.05 -1.05 -21.24
C MSE A 111 16.77 -1.62 -21.84
O MSE A 111 16.84 -2.57 -22.63
CB MSE A 111 18.30 -1.60 -19.79
CB MSE A 111 18.27 -1.65 -19.85
CG MSE A 111 18.96 -2.96 -19.78
CG MSE A 111 19.68 -1.59 -19.43
SE MSE A 111 19.16 -3.70 -17.98
SE MSE A 111 19.82 -2.13 -17.63
CE MSE A 111 20.94 -3.14 -17.54
CE MSE A 111 19.90 -4.05 -17.88
N ALA A 112 15.63 -1.03 -21.48
CA ALA A 112 14.34 -1.42 -22.03
C ALA A 112 14.34 -1.21 -23.55
N LYS A 113 14.58 0.03 -23.95
CA LYS A 113 14.70 0.45 -25.36
C LYS A 113 15.57 -0.53 -26.15
N ALA A 114 16.74 -0.86 -25.62
CA ALA A 114 17.67 -1.80 -26.25
C ALA A 114 17.08 -3.20 -26.40
N ALA A 115 16.27 -3.62 -25.44
CA ALA A 115 15.63 -4.95 -25.50
C ALA A 115 14.39 -4.98 -26.40
N ARG A 116 14.07 -3.84 -27.02
CA ARG A 116 12.84 -3.65 -27.78
C ARG A 116 11.59 -3.85 -26.91
N GLU A 117 11.66 -3.35 -25.69
CA GLU A 117 10.54 -3.39 -24.76
C GLU A 117 10.37 -2.00 -24.12
N GLU A 118 9.29 -1.85 -23.34
CA GLU A 118 8.97 -0.58 -22.68
C GLU A 118 8.85 -0.78 -21.18
N CYS A 119 9.19 0.27 -20.41
CA CYS A 119 8.94 0.31 -18.97
C CYS A 119 7.48 0.68 -18.77
N PRO A 120 6.84 0.20 -17.69
CA PRO A 120 7.34 -0.69 -16.61
C PRO A 120 7.32 -2.20 -16.89
N VAL A 121 6.84 -2.62 -18.06
CA VAL A 121 6.80 -4.06 -18.34
C VAL A 121 8.21 -4.69 -18.32
N PHE A 122 9.16 -4.01 -18.95
CA PHE A 122 10.49 -4.55 -19.09
C PHE A 122 11.08 -4.94 -17.72
N THR A 123 11.65 -6.13 -17.63
CA THR A 123 12.29 -6.62 -16.42
C THR A 123 13.78 -6.88 -16.64
N PRO A 124 14.66 -6.12 -15.94
CA PRO A 124 16.12 -6.29 -16.10
C PRO A 124 16.57 -7.61 -15.46
N PRO A 125 17.80 -8.07 -15.79
CA PRO A 125 18.35 -9.22 -15.09
C PRO A 125 18.27 -9.05 -13.56
N GLY A 126 17.76 -10.07 -12.87
CA GLY A 126 17.65 -10.05 -11.40
C GLY A 126 16.38 -9.35 -10.90
N GLY A 127 15.59 -8.79 -11.80
CA GLY A 127 14.34 -8.08 -11.43
C GLY A 127 13.13 -8.98 -11.47
N GLU A 128 12.01 -8.47 -10.92
CA GLU A 128 10.70 -9.15 -10.95
C GLU A 128 9.85 -8.58 -12.08
N THR A 129 9.04 -9.45 -12.71
CA THR A 129 8.01 -9.03 -13.67
C THR A 129 6.84 -8.37 -12.93
N LEU A 130 6.04 -7.59 -13.66
CA LEU A 130 4.80 -7.02 -13.09
C LEU A 130 3.91 -8.13 -12.54
N ASP A 131 3.84 -9.28 -13.22
CA ASP A 131 2.97 -10.34 -12.73
C ASP A 131 3.51 -10.98 -11.46
N GLN A 132 4.84 -11.07 -11.34
CA GLN A 132 5.43 -11.55 -10.11
C GLN A 132 5.12 -10.59 -8.93
N VAL A 133 5.21 -9.29 -9.19
CA VAL A 133 4.86 -8.31 -8.14
C VAL A 133 3.39 -8.44 -7.74
N LYS A 134 2.50 -8.45 -8.72
CA LYS A 134 1.06 -8.64 -8.46
C LYS A 134 0.81 -9.90 -7.65
N MSE A 135 1.55 -10.98 -7.96
CA MSE A 135 1.28 -12.24 -7.25
C MSE A 135 1.61 -12.07 -5.76
O MSE A 135 0.88 -12.56 -4.93
CB MSE A 135 2.04 -13.40 -7.92
CG MSE A 135 1.82 -14.79 -7.31
SE MSE A 135 -0.07 -15.29 -7.48
CE MSE A 135 -0.59 -15.38 -5.66
N ARG A 136 2.67 -11.33 -5.41
CA ARG A 136 2.98 -10.99 -4.01
C ARG A 136 1.88 -10.15 -3.36
N GLY A 137 1.21 -9.33 -4.17
CA GLY A 137 0.07 -8.50 -3.72
C GLY A 137 -1.14 -9.39 -3.43
N ILE A 138 -1.43 -10.30 -4.37
CA ILE A 138 -2.51 -11.30 -4.20
C ILE A 138 -2.26 -12.18 -2.93
N ASP A 139 -1.04 -12.67 -2.76
CA ASP A 139 -0.64 -13.50 -1.63
C ASP A 139 -0.88 -12.74 -0.32
N PHE A 140 -0.34 -11.52 -0.24
CA PHE A 140 -0.52 -10.73 0.97
C PHE A 140 -2.01 -10.47 1.22
N PHE A 141 -2.72 -10.04 0.17
CA PHE A 141 -4.13 -9.70 0.34
C PHE A 141 -4.98 -10.89 0.83
N GLU A 142 -4.76 -12.06 0.22
CA GLU A 142 -5.50 -13.27 0.68
C GLU A 142 -5.17 -13.60 2.12
N PHE A 143 -3.87 -13.54 2.45
CA PHE A 143 -3.41 -13.65 3.84
C PHE A 143 -4.18 -12.70 4.80
N LEU A 144 -4.22 -11.42 4.44
CA LEU A 144 -4.87 -10.39 5.25
C LEU A 144 -6.37 -10.68 5.44
N CYS A 145 -7.04 -11.02 4.33
CA CYS A 145 -8.49 -11.35 4.36
C CYS A 145 -8.78 -12.50 5.31
N GLN A 146 -8.04 -13.60 5.19
CA GLN A 146 -8.20 -14.76 6.08
C GLN A 146 -7.93 -14.39 7.53
N LEU A 147 -6.89 -13.58 7.76
CA LEU A 147 -6.52 -13.11 9.11
C LEU A 147 -7.69 -12.39 9.79
N ILE A 148 -8.26 -11.42 9.09
CA ILE A 148 -9.35 -10.58 9.60
C ILE A 148 -10.62 -11.40 9.83
N LEU A 149 -10.94 -12.27 8.87
CA LEU A 149 -12.17 -13.12 8.98
C LEU A 149 -12.05 -14.05 10.20
N LYS A 150 -10.89 -14.68 10.33
CA LYS A 150 -10.63 -15.60 11.46
C LYS A 150 -10.65 -14.87 12.82
N GLU A 151 -10.07 -13.67 12.87
CA GLU A 151 -10.11 -12.87 14.08
C GLU A 151 -11.53 -12.46 14.42
N ALA A 152 -12.30 -12.03 13.42
CA ALA A 152 -13.71 -11.68 13.63
C ALA A 152 -14.47 -12.91 14.18
N ASP A 153 -14.14 -14.08 13.64
CA ASP A 153 -14.77 -15.34 14.05
C ASP A 153 -14.41 -15.68 15.50
N GLN A 154 -13.15 -15.50 15.84
CA GLN A 154 -12.64 -15.87 17.17
C GLN A 154 -13.10 -14.90 18.27
N LYS A 155 -13.67 -13.76 17.90
CA LYS A 155 -14.22 -12.78 18.87
C LYS A 155 -15.74 -12.64 18.84
N ASN A 165 -19.37 1.19 14.38
CA ASN A 165 -19.25 2.62 14.13
C ASN A 165 -17.87 3.19 14.37
N CYS A 166 -17.28 2.81 15.51
CA CYS A 166 -16.05 3.42 16.03
CA CYS A 166 -16.05 3.44 16.02
C CYS A 166 -14.89 3.50 15.02
N LEU A 167 -14.64 2.39 14.32
CA LEU A 167 -13.55 2.36 13.33
C LEU A 167 -13.88 3.22 12.10
N GLU A 168 -15.14 3.15 11.62
CA GLU A 168 -15.58 3.88 10.42
C GLU A 168 -15.63 5.39 10.66
N THR A 169 -16.17 5.80 11.81
CA THR A 169 -16.31 7.22 12.14
C THR A 169 -14.97 7.95 12.11
N SER A 170 -13.94 7.33 12.68
CA SER A 170 -12.60 7.93 12.72
C SER A 170 -11.99 8.06 11.32
N LEU A 171 -12.25 7.08 10.46
CA LEU A 171 -11.88 7.22 9.04
C LEU A 171 -12.66 8.32 8.32
N ALA A 172 -13.98 8.39 8.57
CA ALA A 172 -14.88 9.34 7.86
C ALA A 172 -14.56 10.80 8.16
N GLU A 173 -13.86 11.01 9.28
CA GLU A 173 -13.37 12.31 9.74
C GLU A 173 -12.41 12.97 8.75
N ILE A 174 -11.62 12.15 8.04
CA ILE A 174 -10.53 12.68 7.24
C ILE A 174 -10.50 12.14 5.82
N PHE A 175 -11.21 11.04 5.59
CA PHE A 175 -11.34 10.39 4.27
C PHE A 175 -12.76 10.54 3.72
N PRO A 176 -12.89 10.67 2.39
CA PRO A 176 -14.21 10.87 1.75
C PRO A 176 -15.15 9.65 1.73
N LEU A 177 -15.50 9.15 2.90
CA LEU A 177 -16.53 8.14 3.04
C LEU A 177 -17.89 8.84 3.06
N ILE A 191 -23.73 -3.09 5.73
CA ILE A 191 -24.44 -3.11 7.03
C ILE A 191 -23.59 -3.56 8.24
N PRO A 192 -22.74 -4.62 8.08
CA PRO A 192 -21.89 -4.97 9.23
C PRO A 192 -20.96 -3.80 9.58
N GLY A 193 -20.81 -3.49 10.87
CA GLY A 193 -19.81 -2.51 11.31
C GLY A 193 -18.43 -3.04 10.92
N LEU A 194 -17.45 -2.15 10.71
CA LEU A 194 -16.11 -2.60 10.27
C LEU A 194 -15.49 -3.54 11.28
N ALA A 195 -15.04 -4.70 10.81
CA ALA A 195 -14.41 -5.67 11.67
C ALA A 195 -12.99 -5.26 12.07
N ALA A 196 -12.36 -4.47 11.21
CA ALA A 196 -10.97 -4.07 11.38
C ALA A 196 -10.67 -2.84 10.49
N SER A 197 -9.55 -2.16 10.79
CA SER A 197 -9.07 -1.00 10.05
C SER A 197 -7.54 -1.20 10.01
N VAL A 198 -7.08 -1.63 8.85
CA VAL A 198 -5.69 -2.09 8.68
C VAL A 198 -4.89 -0.97 8.03
N LEU A 199 -3.71 -0.72 8.56
CA LEU A 199 -2.78 0.25 7.98
C LEU A 199 -1.64 -0.50 7.33
N VAL A 200 -1.35 -0.19 6.08
CA VAL A 200 -0.22 -0.88 5.38
C VAL A 200 0.71 0.19 4.81
N VAL A 201 1.99 0.07 5.11
CA VAL A 201 2.97 0.98 4.55
C VAL A 201 3.86 0.20 3.58
N SER A 202 3.94 0.67 2.33
CA SER A 202 4.63 -0.11 1.29
C SER A 202 5.22 0.82 0.25
N HIS A 203 5.26 0.34 -1.01
CA HIS A 203 6.15 0.94 -1.99
C HIS A 203 5.37 1.23 -3.26
N GLY A 204 5.85 2.17 -4.09
CA GLY A 204 5.00 2.60 -5.24
C GLY A 204 4.66 1.51 -6.25
N ALA A 205 5.66 0.78 -6.74
CA ALA A 205 5.37 -0.19 -7.82
C ALA A 205 4.51 -1.33 -7.27
N TYR A 206 4.84 -1.78 -6.06
CA TYR A 206 4.05 -2.84 -5.45
C TYR A 206 2.61 -2.42 -5.27
N MSE A 207 2.45 -1.19 -4.78
CA MSE A 207 1.09 -0.65 -4.59
C MSE A 207 0.32 -0.59 -5.92
O MSE A 207 -0.88 -0.98 -5.98
CB MSE A 207 1.14 0.68 -3.88
CG MSE A 207 1.43 0.50 -2.38
SE MSE A 207 2.04 2.19 -1.57
CE MSE A 207 0.34 3.14 -1.70
N ARG A 208 0.99 -0.13 -6.95
CA ARG A 208 0.30 -0.01 -8.26
C ARG A 208 -0.22 -1.36 -8.72
N SER A 209 0.57 -2.40 -8.50
CA SER A 209 0.19 -3.75 -8.93
C SER A 209 -0.93 -4.29 -8.06
N LEU A 210 -0.86 -3.99 -6.77
CA LEU A 210 -1.97 -4.41 -5.87
C LEU A 210 -3.25 -3.69 -6.29
N PHE A 211 -3.15 -2.40 -6.61
CA PHE A 211 -4.34 -1.62 -6.93
C PHE A 211 -4.88 -2.14 -8.27
N ASP A 212 -3.98 -2.51 -9.16
CA ASP A 212 -4.43 -3.13 -10.42
C ASP A 212 -5.17 -4.45 -10.20
N TYR A 213 -4.69 -5.26 -9.26
CA TYR A 213 -5.45 -6.46 -8.86
C TYR A 213 -6.86 -6.06 -8.39
N PHE A 214 -6.95 -5.06 -7.53
CA PHE A 214 -8.26 -4.65 -7.01
C PHE A 214 -9.18 -4.18 -8.14
N LEU A 215 -8.64 -3.41 -9.08
CA LEU A 215 -9.48 -2.85 -10.15
C LEU A 215 -9.75 -3.84 -11.26
N THR A 216 -8.68 -4.35 -11.86
CA THR A 216 -8.82 -5.23 -13.01
C THR A 216 -9.43 -6.58 -12.64
N ASP A 217 -9.01 -7.16 -11.51
CA ASP A 217 -9.39 -8.50 -11.15
C ASP A 217 -10.56 -8.59 -10.18
N LEU A 218 -10.54 -7.78 -9.12
CA LEU A 218 -11.66 -7.77 -8.19
C LEU A 218 -12.82 -6.81 -8.58
N LYS A 219 -12.56 -6.02 -9.62
CA LYS A 219 -13.57 -5.12 -10.19
C LYS A 219 -14.03 -4.09 -9.15
N CYS A 220 -13.06 -3.53 -8.40
CA CYS A 220 -13.38 -2.52 -7.37
CA CYS A 220 -13.28 -2.48 -7.39
C CYS A 220 -14.03 -1.28 -7.98
N SER A 221 -14.89 -0.63 -7.20
CA SER A 221 -15.49 0.61 -7.63
C SER A 221 -14.49 1.76 -7.41
N LEU A 222 -14.60 2.81 -8.21
CA LEU A 222 -13.67 3.96 -8.13
C LEU A 222 -14.47 5.25 -7.90
N PRO A 223 -13.92 6.19 -7.09
CA PRO A 223 -14.62 7.47 -6.99
C PRO A 223 -14.70 8.16 -8.38
N ALA A 224 -15.63 9.10 -8.55
CA ALA A 224 -15.80 9.85 -9.82
C ALA A 224 -14.57 10.70 -10.18
N THR A 225 -13.79 11.05 -9.16
CA THR A 225 -12.59 11.86 -9.33
C THR A 225 -11.32 11.05 -9.65
N LEU A 226 -11.45 9.73 -9.70
CA LEU A 226 -10.29 8.88 -9.90
CA LEU A 226 -10.28 8.88 -9.91
C LEU A 226 -10.32 8.18 -11.25
N SER A 227 -9.38 8.55 -12.11
CA SER A 227 -9.24 7.91 -13.42
C SER A 227 -8.58 6.54 -13.26
N ARG A 228 -8.82 5.65 -14.21
CA ARG A 228 -8.03 4.40 -14.28
C ARG A 228 -6.53 4.70 -14.45
N SER A 229 -6.20 5.77 -15.18
CA SER A 229 -4.80 6.10 -15.41
C SER A 229 -4.03 6.49 -14.14
N GLU A 230 -4.72 7.09 -13.19
CA GLU A 230 -4.14 7.51 -11.91
C GLU A 230 -3.58 6.27 -11.24
N LEU A 231 -4.44 5.27 -11.23
CA LEU A 231 -4.29 4.12 -10.38
C LEU A 231 -3.06 3.32 -10.78
N MSE A 232 -2.79 3.31 -12.08
CA MSE A 232 -1.82 2.38 -12.67
CA MSE A 232 -1.83 2.40 -12.72
C MSE A 232 -0.41 2.95 -12.79
O MSE A 232 0.58 2.20 -12.79
CB MSE A 232 -2.32 1.88 -14.03
CB MSE A 232 -2.29 2.04 -14.13
CG MSE A 232 -3.69 1.22 -13.93
CG MSE A 232 -3.61 1.31 -14.14
SE MSE A 232 -4.49 0.77 -15.63
SE MSE A 232 -3.42 -0.61 -13.81
CE MSE A 232 -3.24 -0.61 -16.22
CE MSE A 232 -1.53 -0.76 -13.31
N SER A 233 -0.33 4.27 -12.89
CA SER A 233 0.91 5.00 -12.84
C SER A 233 0.57 6.11 -11.90
N VAL A 234 1.41 6.36 -10.88
CA VAL A 234 1.34 7.52 -10.00
C VAL A 234 1.21 7.04 -8.55
N THR A 235 2.29 7.21 -7.75
CA THR A 235 2.19 7.07 -6.28
C THR A 235 3.14 8.03 -5.55
N PRO A 236 2.61 9.13 -5.00
CA PRO A 236 3.45 10.12 -4.29
C PRO A 236 4.01 9.53 -2.98
N ASN A 237 5.16 10.02 -2.51
CA ASN A 237 5.63 9.65 -1.17
C ASN A 237 4.58 10.03 -0.10
N THR A 238 4.30 9.08 0.79
CA THR A 238 3.18 9.13 1.79
C THR A 238 1.77 9.36 1.24
N GLY A 239 1.61 9.14 -0.07
CA GLY A 239 0.30 9.15 -0.74
C GLY A 239 -0.55 8.04 -0.13
N MSE A 240 -1.80 8.38 0.20
CA MSE A 240 -2.69 7.49 0.93
C MSE A 240 -3.89 7.02 0.10
O MSE A 240 -4.54 7.82 -0.57
CB MSE A 240 -3.24 8.20 2.18
CG MSE A 240 -2.15 8.68 3.11
SE MSE A 240 -3.02 9.46 4.67
CE MSE A 240 -1.43 10.09 5.52
N SER A 241 -4.19 5.73 0.18
CA SER A 241 -5.34 5.16 -0.51
CA SER A 241 -5.32 5.15 -0.52
C SER A 241 -6.14 4.39 0.51
N LEU A 242 -7.47 4.50 0.44
CA LEU A 242 -8.37 3.80 1.34
C LEU A 242 -9.33 2.96 0.51
N PHE A 243 -9.48 1.70 0.94
CA PHE A 243 -10.41 0.71 0.37
C PHE A 243 -11.31 0.12 1.47
N ILE A 244 -12.56 -0.12 1.12
CA ILE A 244 -13.41 -0.94 1.97
C ILE A 244 -13.56 -2.33 1.31
N ILE A 245 -13.21 -3.36 2.05
CA ILE A 245 -13.28 -4.74 1.55
C ILE A 245 -14.53 -5.40 2.14
N ASN A 246 -15.33 -6.06 1.31
CA ASN A 246 -16.67 -6.53 1.70
C ASN A 246 -16.80 -8.02 1.41
N PHE A 247 -17.18 -8.82 2.42
CA PHE A 247 -17.44 -10.23 2.20
C PHE A 247 -18.90 -10.52 2.53
N GLU A 248 -19.60 -11.13 1.58
CA GLU A 248 -20.89 -11.77 1.87
C GLU A 248 -20.66 -12.98 2.77
N GLU A 249 -21.72 -13.43 3.45
CA GLU A 249 -21.59 -14.63 4.28
C GLU A 249 -21.39 -15.84 3.38
N GLY A 250 -20.72 -16.84 3.94
CA GLY A 250 -20.53 -18.11 3.27
C GLY A 250 -19.15 -18.67 3.40
N ARG A 251 -18.84 -19.65 2.55
CA ARG A 251 -17.53 -20.31 2.49
C ARG A 251 -16.79 -19.89 1.23
N GLU A 252 -15.49 -19.65 1.36
CA GLU A 252 -14.60 -19.28 0.24
C GLU A 252 -15.21 -18.15 -0.62
N VAL A 253 -15.64 -17.09 0.06
CA VAL A 253 -16.30 -15.95 -0.57
C VAL A 253 -15.30 -14.98 -1.20
N LYS A 254 -15.57 -14.62 -2.46
CA LYS A 254 -14.81 -13.61 -3.16
C LYS A 254 -15.25 -12.22 -2.69
N PRO A 255 -14.31 -11.41 -2.17
CA PRO A 255 -14.72 -10.10 -1.67
C PRO A 255 -15.05 -9.12 -2.79
N THR A 256 -15.81 -8.08 -2.45
CA THR A 256 -15.92 -6.91 -3.33
C THR A 256 -15.15 -5.77 -2.68
N VAL A 257 -14.73 -4.78 -3.48
CA VAL A 257 -13.83 -3.75 -2.99
C VAL A 257 -14.35 -2.38 -3.46
N GLN A 258 -14.36 -1.41 -2.55
CA GLN A 258 -14.70 -0.03 -2.87
C GLN A 258 -13.45 0.81 -2.62
N CYS A 259 -12.96 1.47 -3.67
CA CYS A 259 -11.89 2.42 -3.49
C CYS A 259 -12.49 3.77 -3.07
N ILE A 260 -12.11 4.23 -1.89
CA ILE A 260 -12.61 5.49 -1.29
C ILE A 260 -11.79 6.71 -1.75
N CYS A 261 -10.46 6.56 -1.74
CA CYS A 261 -9.57 7.58 -2.31
C CYS A 261 -8.27 6.93 -2.69
N MSE A 262 -7.49 7.59 -3.54
CA MSE A 262 -6.17 7.06 -3.92
C MSE A 262 -5.19 8.19 -4.00
O MSE A 262 -5.53 9.29 -4.49
CB MSE A 262 -6.24 6.31 -5.25
CG MSE A 262 -4.91 5.71 -5.73
SE MSE A 262 -5.20 4.48 -7.18
CE MSE A 262 -6.12 3.19 -6.10
N ASN A 263 -3.97 7.96 -3.53
CA ASN A 263 -2.90 8.96 -3.62
C ASN A 263 -3.27 10.29 -2.96
N LEU A 264 -4.05 10.22 -1.90
CA LEU A 264 -4.40 11.42 -1.11
C LEU A 264 -3.12 12.05 -0.53
N GLN A 265 -2.97 13.36 -0.71
CA GLN A 265 -1.81 14.07 -0.11
C GLN A 265 -2.20 15.33 0.69
N ASP A 266 -3.39 15.32 1.30
CA ASP A 266 -3.92 16.45 2.08
C ASP A 266 -3.06 16.82 3.29
N HIS A 267 -2.30 15.83 3.78
CA HIS A 267 -1.37 16.06 4.87
C HIS A 267 -0.08 16.80 4.44
N LEU A 268 0.15 16.97 3.13
CA LEU A 268 1.41 17.54 2.63
C LEU A 268 1.39 19.03 2.22
N ASN A 269 0.21 19.61 2.10
CA ASN A 269 0.11 21.01 1.61
C ASN A 269 0.47 22.03 2.70
P PO4 B . 9.90 2.94 -3.74
O1 PO4 B . 10.62 4.26 -3.64
O2 PO4 B . 8.44 3.21 -3.37
O3 PO4 B . 10.03 2.44 -5.18
O4 PO4 B . 10.44 1.87 -2.83
#